data_8ZBD
#
_entry.id   8ZBD
#
_cell.length_a   66.997
_cell.length_b   66.997
_cell.length_c   245.030
_cell.angle_alpha   90.000
_cell.angle_beta   90.000
_cell.angle_gamma   90.000
#
_symmetry.space_group_name_H-M   'P 41 21 2'
#
loop_
_entity.id
_entity.type
_entity.pdbx_description
1 polymer 'MBL fold metallo-hydrolase'
2 non-polymer 'FE (III) ION'
3 water water
#
_entity_poly.entity_id   1
_entity_poly.type   'polypeptide(L)'
_entity_poly.pdbx_seq_one_letter_code
;MIFQQLFESSSSTYTYLLGCPITKTAVLIDPVLETVERDISILNALGLTLRYTLETHIHADHLSGGYQLRQRTGCLIALP
AIEQLPCADIGIEEGTPLCVGEVQIHPLYTPGHTSSHHAYYVDTGTHLMLFSGDALLIDACGRTDFQAGNAGQLYDSIQH
KLFTLPNETLVYPGHDYEGRFISSIAQEKQRNPRLSNNKSKQAFIELMNGLKTPNPRKMAFAVPSNKQCGMCPPNIFEEY
QQLCETLV
;
_entity_poly.pdbx_strand_id   A,B
#
# COMPACT_ATOMS: atom_id res chain seq x y z
N MET A 1 31.70 16.33 1.94
CA MET A 1 30.27 16.60 1.94
C MET A 1 29.84 17.17 3.30
N ILE A 2 29.03 18.22 3.28
CA ILE A 2 28.45 18.75 4.50
C ILE A 2 27.33 17.83 4.94
N PHE A 3 27.39 17.38 6.19
CA PHE A 3 26.41 16.43 6.69
C PHE A 3 25.96 16.83 8.09
N GLN A 4 24.64 16.89 8.31
CA GLN A 4 24.10 17.10 9.65
C GLN A 4 22.89 16.21 9.87
N GLN A 5 22.79 15.66 11.08
CA GLN A 5 21.66 14.85 11.50
C GLN A 5 20.86 15.66 12.51
N LEU A 6 19.59 15.91 12.22
CA LEU A 6 18.78 16.82 13.03
C LEU A 6 17.58 16.06 13.60
N PHE A 7 17.30 16.30 14.88
CA PHE A 7 16.23 15.61 15.59
C PHE A 7 15.03 16.53 15.81
N GLU A 8 13.82 15.99 15.70
CA GLU A 8 12.58 16.71 15.99
C GLU A 8 11.84 15.96 17.10
N SER A 9 11.74 16.59 18.28
CA SER A 9 11.43 15.81 19.47
C SER A 9 9.99 15.33 19.52
N SER A 10 9.06 16.09 18.94
CA SER A 10 7.64 15.74 19.06
C SER A 10 7.31 14.41 18.36
N SER A 11 7.87 14.15 17.19
CA SER A 11 7.65 12.89 16.49
C SER A 11 8.87 11.95 16.51
N SER A 12 9.99 12.39 17.04
CA SER A 12 11.25 11.64 17.06
C SER A 12 11.77 11.31 15.66
N THR A 13 11.59 12.23 14.73
CA THR A 13 12.11 12.06 13.38
C THR A 13 13.51 12.63 13.26
N TYR A 14 14.35 11.94 12.50
CA TYR A 14 15.63 12.48 12.04
C TYR A 14 15.47 13.08 10.64
N THR A 15 15.77 14.38 10.52
CA THR A 15 16.00 15.04 9.25
C THR A 15 17.50 15.03 8.96
N TYR A 16 17.87 14.76 7.70
CA TYR A 16 19.27 14.70 7.30
C TYR A 16 19.55 15.81 6.28
N LEU A 17 20.55 16.64 6.58
CA LEU A 17 21.01 17.69 5.69
C LEU A 17 22.29 17.22 5.01
N LEU A 18 22.28 17.22 3.68
CA LEU A 18 23.45 16.87 2.88
C LEU A 18 23.74 18.05 1.98
N GLY A 19 25.00 18.49 1.95
CA GLY A 19 25.37 19.66 1.17
C GLY A 19 26.62 19.42 0.35
N CYS A 20 26.65 20.04 -0.82
CA CYS A 20 27.82 20.00 -1.68
C CYS A 20 28.67 21.23 -1.43
N PRO A 21 29.91 21.09 -0.93
CA PRO A 21 30.70 22.29 -0.63
C PRO A 21 31.11 23.09 -1.85
N ILE A 22 31.10 22.48 -3.03
CA ILE A 22 31.54 23.15 -4.25
C ILE A 22 30.41 23.98 -4.86
N THR A 23 29.22 23.40 -5.02
CA THR A 23 28.13 24.16 -5.61
C THR A 23 27.30 24.92 -4.58
N LYS A 24 27.54 24.68 -3.29
CA LYS A 24 26.81 25.34 -2.19
C LYS A 24 25.30 25.04 -2.25
N THR A 25 24.95 23.81 -2.65
CA THR A 25 23.57 23.37 -2.77
C THR A 25 23.32 22.20 -1.83
N ALA A 26 22.07 22.05 -1.38
CA ALA A 26 21.78 21.05 -0.37
C ALA A 26 20.45 20.35 -0.64
N VAL A 27 20.27 19.23 0.07
CA VAL A 27 19.03 18.47 0.13
C VAL A 27 18.72 18.20 1.59
N LEU A 28 17.43 18.20 1.93
CA LEU A 28 16.96 17.76 3.23
C LEU A 28 16.16 16.48 3.04
N ILE A 29 16.50 15.45 3.82
CA ILE A 29 15.81 14.17 3.80
C ILE A 29 14.86 14.12 4.98
N ASP A 30 13.58 13.88 4.69
CA ASP A 30 12.52 13.88 5.68
C ASP A 30 12.47 15.13 6.54
N PRO A 31 12.34 16.32 5.92
CA PRO A 31 12.13 17.54 6.70
C PRO A 31 10.74 17.56 7.36
N VAL A 32 10.67 18.13 8.55
CA VAL A 32 9.47 18.13 9.38
C VAL A 32 8.95 19.55 9.49
N LEU A 33 7.62 19.70 9.44
CA LEU A 33 6.99 21.01 9.47
C LEU A 33 7.40 21.80 10.71
N GLU A 34 7.35 21.16 11.88
CA GLU A 34 7.66 21.86 13.12
C GLU A 34 9.05 22.49 13.11
N THR A 35 10.00 21.96 12.32
CA THR A 35 11.36 22.49 12.36
C THR A 35 11.77 23.18 11.05
N VAL A 36 10.81 23.72 10.30
CA VAL A 36 11.16 24.46 9.09
C VAL A 36 12.06 25.66 9.39
N GLU A 37 11.75 26.42 10.46
CA GLU A 37 12.57 27.60 10.76
C GLU A 37 14.00 27.18 11.08
N ARG A 38 14.15 26.13 11.87
CA ARG A 38 15.46 25.63 12.24
C ARG A 38 16.25 25.18 11.01
N ASP A 39 15.59 24.44 10.11
CA ASP A 39 16.29 23.94 8.93
C ASP A 39 16.76 25.11 8.07
N ILE A 40 15.93 26.13 7.92
CA ILE A 40 16.27 27.27 7.08
C ILE A 40 17.38 28.11 7.72
N SER A 41 17.35 28.30 9.05
CA SER A 41 18.44 29.00 9.71
C SER A 41 19.75 28.25 9.54
N ILE A 42 19.70 26.92 9.66
CA ILE A 42 20.94 26.14 9.51
C ILE A 42 21.47 26.26 8.09
N LEU A 43 20.60 26.05 7.09
CA LEU A 43 20.99 26.23 5.69
C LEU A 43 21.64 27.58 5.45
N ASN A 44 21.02 28.65 5.98
CA ASN A 44 21.58 29.98 5.81
C ASN A 44 22.93 30.13 6.51
N ALA A 45 23.06 29.59 7.73
CA ALA A 45 24.32 29.69 8.47
C ALA A 45 25.46 29.01 7.72
N LEU A 46 25.17 27.90 7.07
CA LEU A 46 26.17 27.22 6.26
C LEU A 46 26.35 27.87 4.90
N GLY A 47 25.59 28.92 4.59
CA GLY A 47 25.65 29.51 3.26
C GLY A 47 25.24 28.56 2.15
N LEU A 48 24.21 27.74 2.38
CA LEU A 48 23.75 26.76 1.41
C LEU A 48 22.39 27.14 0.86
N THR A 49 22.19 26.86 -0.43
CA THR A 49 20.91 27.00 -1.11
C THR A 49 20.22 25.63 -1.16
N LEU A 50 18.99 25.57 -0.68
CA LEU A 50 18.27 24.30 -0.68
C LEU A 50 17.72 24.02 -2.08
N ARG A 51 18.11 22.89 -2.65
CA ARG A 51 17.73 22.51 -4.01
C ARG A 51 16.64 21.46 -4.07
N TYR A 52 16.63 20.48 -3.16
CA TYR A 52 15.64 19.42 -3.11
C TYR A 52 15.27 19.11 -1.67
N THR A 53 13.99 18.82 -1.44
CA THR A 53 13.62 18.01 -0.28
C THR A 53 13.31 16.62 -0.78
N LEU A 54 13.53 15.61 0.08
CA LEU A 54 13.44 14.22 -0.32
C LEU A 54 12.78 13.43 0.80
N GLU A 55 11.68 12.74 0.50
CA GLU A 55 10.99 11.94 1.49
C GLU A 55 11.31 10.47 1.30
N THR A 56 11.42 9.74 2.41
CA THR A 56 11.50 8.29 2.33
C THR A 56 10.14 7.65 2.05
N HIS A 57 9.06 8.28 2.51
CA HIS A 57 7.72 7.73 2.34
C HIS A 57 6.69 8.77 2.77
N ILE A 58 5.43 8.42 2.61
CA ILE A 58 4.31 9.25 3.06
C ILE A 58 4.18 9.02 4.57
N HIS A 59 4.59 10.02 5.36
CA HIS A 59 4.70 9.86 6.80
C HIS A 59 3.32 9.88 7.45
N ALA A 60 3.14 9.02 8.46
CA ALA A 60 1.89 8.97 9.20
C ALA A 60 1.96 9.71 10.53
N ASP A 61 3.16 10.08 10.98
CA ASP A 61 3.36 10.61 12.31
C ASP A 61 3.67 12.10 12.35
N HIS A 62 4.05 12.70 11.23
CA HIS A 62 4.34 14.12 11.20
C HIS A 62 4.00 14.63 9.81
N LEU A 63 3.88 15.95 9.69
CA LEU A 63 3.67 16.59 8.41
C LEU A 63 5.01 16.95 7.78
N SER A 64 5.18 16.59 6.52
CA SER A 64 6.39 16.96 5.81
C SER A 64 6.56 18.47 5.75
N GLY A 65 7.79 18.94 5.93
CA GLY A 65 8.08 20.34 5.71
C GLY A 65 8.29 20.71 4.26
N GLY A 66 8.18 19.74 3.34
CA GLY A 66 8.51 20.00 1.94
C GLY A 66 7.72 21.14 1.32
N TYR A 67 6.40 21.17 1.57
CA TYR A 67 5.55 22.19 0.97
C TYR A 67 6.00 23.60 1.40
N GLN A 68 6.17 23.82 2.72
CA GLN A 68 6.57 25.15 3.20
C GLN A 68 7.98 25.49 2.73
N LEU A 69 8.89 24.51 2.74
CA LEU A 69 10.25 24.75 2.29
C LEU A 69 10.27 25.21 0.84
N ARG A 70 9.42 24.61 -0.01
CA ARG A 70 9.40 25.02 -1.41
C ARG A 70 8.87 26.44 -1.54
N GLN A 71 7.84 26.78 -0.75
CA GLN A 71 7.36 28.17 -0.72
C GLN A 71 8.48 29.14 -0.40
N ARG A 72 9.35 28.77 0.53
CA ARG A 72 10.26 29.74 1.12
C ARG A 72 11.65 29.72 0.52
N THR A 73 12.05 28.63 -0.16
CA THR A 73 13.35 28.59 -0.83
C THR A 73 13.25 28.43 -2.32
N GLY A 74 12.13 27.97 -2.86
CA GLY A 74 12.10 27.61 -4.25
C GLY A 74 12.71 26.27 -4.57
N CYS A 75 12.98 25.43 -3.58
CA CYS A 75 13.47 24.09 -3.85
C CYS A 75 12.40 23.25 -4.58
N LEU A 76 12.82 22.06 -5.04
CA LEU A 76 11.99 21.08 -5.71
C LEU A 76 11.73 19.92 -4.74
N ILE A 77 10.53 19.36 -4.77
CA ILE A 77 10.14 18.28 -3.86
C ILE A 77 10.29 16.97 -4.61
N ALA A 78 11.09 16.05 -4.06
CA ALA A 78 11.27 14.72 -4.63
C ALA A 78 10.73 13.68 -3.65
N LEU A 79 10.02 12.70 -4.20
CA LEU A 79 9.47 11.61 -3.40
C LEU A 79 9.16 10.46 -4.35
N PRO A 80 8.86 9.28 -3.82
CA PRO A 80 8.70 8.11 -4.70
C PRO A 80 7.69 8.30 -5.83
N ALA A 81 8.15 7.99 -7.06
CA ALA A 81 7.31 8.14 -8.24
C ALA A 81 6.05 7.28 -8.17
N ILE A 82 6.15 6.11 -7.52
CA ILE A 82 5.03 5.20 -7.42
C ILE A 82 3.82 5.83 -6.73
N GLU A 83 4.02 6.87 -5.92
CA GLU A 83 2.89 7.51 -5.26
C GLU A 83 2.10 8.37 -6.22
N GLN A 84 2.70 8.79 -7.34
CA GLN A 84 2.03 9.57 -8.39
C GLN A 84 1.34 10.80 -7.81
N LEU A 85 2.05 11.54 -6.95
CA LEU A 85 1.47 12.71 -6.31
C LEU A 85 1.67 13.94 -7.20
N PRO A 86 0.61 14.63 -7.59
CA PRO A 86 0.79 15.80 -8.48
C PRO A 86 1.57 16.95 -7.86
N CYS A 87 1.54 17.12 -6.52
CA CYS A 87 2.28 18.24 -5.93
C CYS A 87 3.79 18.06 -5.99
N ALA A 88 4.27 16.85 -6.26
CA ALA A 88 5.70 16.64 -6.24
C ALA A 88 6.32 17.09 -7.55
N ASP A 89 7.59 17.46 -7.48
CA ASP A 89 8.35 17.88 -8.66
C ASP A 89 9.10 16.75 -9.30
N ILE A 90 9.59 15.79 -8.52
CA ILE A 90 10.49 14.76 -9.04
C ILE A 90 10.05 13.41 -8.53
N GLY A 91 9.98 12.43 -9.41
CA GLY A 91 9.62 11.07 -9.05
C GLY A 91 10.85 10.24 -8.79
N ILE A 92 10.99 9.78 -7.55
CA ILE A 92 12.13 8.97 -7.13
C ILE A 92 11.90 7.54 -7.55
N GLU A 93 12.96 6.89 -8.03
CA GLU A 93 12.89 5.49 -8.37
C GLU A 93 14.27 4.87 -8.20
N GLU A 94 14.31 3.61 -7.78
CA GLU A 94 15.57 2.87 -7.72
C GLU A 94 16.22 2.79 -9.10
N GLY A 95 17.54 2.99 -9.14
CA GLY A 95 18.30 3.00 -10.36
C GLY A 95 18.59 4.37 -10.94
N THR A 96 17.84 5.39 -10.54
CA THR A 96 18.05 6.74 -11.04
C THR A 96 18.50 7.64 -9.88
N PRO A 97 19.73 8.14 -9.89
CA PRO A 97 20.22 8.93 -8.74
C PRO A 97 19.59 10.31 -8.68
N LEU A 98 19.56 10.85 -7.46
CA LEU A 98 19.25 12.26 -7.26
C LEU A 98 20.58 12.99 -7.06
N CYS A 99 20.84 13.96 -7.92
CA CYS A 99 22.14 14.61 -7.99
C CYS A 99 22.06 15.99 -7.37
N VAL A 100 22.87 16.21 -6.35
CA VAL A 100 22.97 17.50 -5.66
C VAL A 100 24.43 17.91 -5.76
N GLY A 101 24.74 18.79 -6.71
CA GLY A 101 26.14 19.08 -6.97
C GLY A 101 26.87 17.80 -7.30
N GLU A 102 27.98 17.56 -6.60
CA GLU A 102 28.76 16.35 -6.79
C GLU A 102 28.29 15.20 -5.90
N VAL A 103 27.23 15.39 -5.12
CA VAL A 103 26.73 14.34 -4.25
C VAL A 103 25.64 13.56 -4.99
N GLN A 104 25.77 12.24 -4.98
CA GLN A 104 24.88 11.33 -5.68
C GLN A 104 24.08 10.53 -4.66
N ILE A 105 22.76 10.67 -4.69
CA ILE A 105 21.88 9.96 -3.75
C ILE A 105 21.19 8.82 -4.49
N HIS A 106 21.35 7.59 -4.00
CA HIS A 106 20.85 6.41 -4.69
C HIS A 106 19.63 5.84 -3.98
N PRO A 107 18.44 5.84 -4.61
CA PRO A 107 17.27 5.22 -3.97
C PRO A 107 17.32 3.70 -3.98
N LEU A 108 16.71 3.11 -2.95
CA LEU A 108 16.46 1.67 -2.86
C LEU A 108 15.00 1.48 -2.48
N TYR A 109 14.24 0.83 -3.35
CA TYR A 109 12.83 0.52 -3.06
C TYR A 109 12.74 -0.53 -1.95
N THR A 110 12.16 -0.17 -0.80
CA THR A 110 12.12 -1.04 0.38
C THR A 110 10.73 -1.00 1.00
N PRO A 111 9.74 -1.61 0.35
CA PRO A 111 8.37 -1.55 0.88
C PRO A 111 8.18 -2.46 2.08
N GLY A 112 7.09 -2.19 2.80
CA GLY A 112 6.66 -3.03 3.89
C GLY A 112 6.17 -2.24 5.10
N HIS A 113 6.82 -1.12 5.43
CA HIS A 113 6.20 -0.16 6.33
C HIS A 113 5.05 0.55 5.64
N THR A 114 5.30 1.05 4.42
CA THR A 114 4.27 1.42 3.44
C THR A 114 4.64 0.76 2.11
N SER A 115 3.76 0.90 1.11
CA SER A 115 4.00 0.25 -0.16
C SER A 115 4.89 1.08 -1.08
N SER A 116 5.17 2.32 -0.75
CA SER A 116 6.02 3.14 -1.60
C SER A 116 7.34 3.52 -0.93
N HIS A 117 7.68 2.89 0.20
CA HIS A 117 8.85 3.29 0.98
C HIS A 117 10.15 3.10 0.22
N HIS A 118 10.96 4.16 0.18
CA HIS A 118 12.31 4.10 -0.37
C HIS A 118 13.33 4.48 0.71
N ALA A 119 14.42 3.72 0.76
CA ALA A 119 15.62 4.13 1.47
C ALA A 119 16.56 4.83 0.48
N TYR A 120 17.57 5.52 1.01
CA TYR A 120 18.57 6.18 0.18
C TYR A 120 19.96 5.89 0.73
N TYR A 121 20.93 5.74 -0.17
CA TYR A 121 22.32 5.60 0.26
C TYR A 121 23.23 6.54 -0.51
N VAL A 122 24.29 6.98 0.17
CA VAL A 122 25.31 7.86 -0.39
C VAL A 122 26.68 7.27 -0.09
N ASP A 123 27.57 7.35 -1.07
CA ASP A 123 28.96 6.90 -0.93
C ASP A 123 29.86 8.11 -0.66
N THR A 124 30.48 8.16 0.52
CA THR A 124 31.37 9.27 0.89
C THR A 124 32.81 9.09 0.41
N GLY A 125 33.18 7.91 -0.08
CA GLY A 125 34.56 7.57 -0.37
C GLY A 125 35.16 6.62 0.64
N THR A 126 34.66 6.64 1.86
CA THR A 126 35.05 5.75 2.95
C THR A 126 33.87 4.96 3.51
N HIS A 127 32.71 5.59 3.60
CA HIS A 127 31.50 4.94 4.07
C HIS A 127 30.42 4.98 3.01
N LEU A 128 29.59 3.92 3.01
CA LEU A 128 28.24 4.00 2.50
C LEU A 128 27.36 4.46 3.65
N MET A 129 26.60 5.53 3.42
CA MET A 129 25.65 6.05 4.39
C MET A 129 24.25 5.61 3.94
N LEU A 130 23.57 4.81 4.77
CA LEU A 130 22.21 4.37 4.44
C LEU A 130 21.20 5.14 5.27
N PHE A 131 20.41 5.97 4.60
CA PHE A 131 19.23 6.60 5.19
C PHE A 131 18.08 5.63 5.04
N SER A 132 17.76 4.92 6.11
CA SER A 132 16.91 3.75 6.02
C SER A 132 15.42 4.06 6.24
N GLY A 133 15.08 5.32 6.49
CA GLY A 133 13.71 5.69 6.75
C GLY A 133 13.11 4.84 7.83
N ASP A 134 11.88 4.41 7.63
CA ASP A 134 11.26 3.51 8.57
C ASP A 134 11.33 2.06 8.11
N ALA A 135 12.32 1.70 7.29
CA ALA A 135 12.45 0.30 6.92
C ALA A 135 13.24 -0.46 8.01
N LEU A 136 14.52 -0.14 8.14
CA LEU A 136 15.37 -0.65 9.21
C LEU A 136 15.53 0.45 10.25
N LEU A 137 15.29 0.11 11.51
CA LEU A 137 15.50 1.05 12.60
C LEU A 137 16.54 0.45 13.53
N ILE A 138 17.03 1.26 14.46
CA ILE A 138 18.10 0.80 15.35
C ILE A 138 17.49 -0.14 16.39
N ASP A 139 17.86 -1.41 16.31
CA ASP A 139 17.36 -2.47 17.18
C ASP A 139 15.87 -2.79 16.97
N ALA A 140 15.25 -2.24 15.93
CA ALA A 140 13.84 -2.48 15.64
C ALA A 140 13.63 -2.35 14.12
N CYS A 141 12.40 -2.12 13.72
CA CYS A 141 12.09 -1.78 12.34
C CYS A 141 10.75 -1.08 12.34
N GLY A 142 10.36 -0.56 11.18
CA GLY A 142 9.12 0.19 11.10
C GLY A 142 7.93 -0.67 11.46
N ARG A 143 6.91 -0.06 12.04
CA ARG A 143 5.71 -0.82 12.35
C ARG A 143 5.07 -1.32 11.05
N THR A 144 4.45 -2.50 11.13
CA THR A 144 3.78 -3.09 9.97
C THR A 144 2.27 -3.23 10.15
N ASP A 145 1.65 -2.47 11.05
CA ASP A 145 0.22 -2.62 11.33
C ASP A 145 -0.65 -1.55 10.67
N PHE A 146 -0.08 -0.65 9.88
CA PHE A 146 -0.90 0.22 9.05
C PHE A 146 -1.58 -0.60 7.96
N GLN A 147 -2.38 0.08 7.12
CA GLN A 147 -3.14 -0.63 6.09
C GLN A 147 -2.21 -1.31 5.08
N ALA A 148 -1.26 -0.57 4.50
CA ALA A 148 -0.31 -1.20 3.61
C ALA A 148 0.90 -1.78 4.35
N GLY A 149 0.79 -1.93 5.67
CA GLY A 149 1.77 -2.66 6.43
C GLY A 149 1.81 -4.09 5.96
N ASN A 150 3.01 -4.61 5.74
CA ASN A 150 3.17 -5.97 5.24
C ASN A 150 4.50 -6.50 5.81
N ALA A 151 4.40 -7.28 6.89
CA ALA A 151 5.61 -7.74 7.58
C ALA A 151 6.46 -8.63 6.70
N GLY A 152 5.87 -9.58 6.00
CA GLY A 152 6.66 -10.44 5.16
C GLY A 152 7.38 -9.65 4.07
N GLN A 153 6.72 -8.60 3.57
CA GLN A 153 7.35 -7.75 2.56
C GLN A 153 8.47 -6.90 3.16
N LEU A 154 8.26 -6.34 4.36
CA LEU A 154 9.34 -5.60 5.01
C LEU A 154 10.57 -6.49 5.20
N TYR A 155 10.35 -7.75 5.62
CA TYR A 155 11.45 -8.69 5.83
C TYR A 155 12.26 -8.89 4.55
N ASP A 156 11.58 -9.16 3.44
CA ASP A 156 12.26 -9.20 2.14
C ASP A 156 13.06 -7.93 1.90
N SER A 157 12.44 -6.78 2.14
CA SER A 157 13.10 -5.52 1.83
C SER A 157 14.40 -5.38 2.61
N ILE A 158 14.35 -5.64 3.92
CA ILE A 158 15.54 -5.52 4.74
C ILE A 158 16.59 -6.53 4.33
N GLN A 159 16.19 -7.81 4.13
CA GLN A 159 17.15 -8.86 3.78
C GLN A 159 17.80 -8.61 2.42
N HIS A 160 16.98 -8.31 1.40
CA HIS A 160 17.50 -8.26 0.03
C HIS A 160 18.17 -6.93 -0.28
N LYS A 161 17.65 -5.82 0.22
CA LYS A 161 18.22 -4.54 -0.18
C LYS A 161 19.22 -3.96 0.81
N LEU A 162 19.08 -4.25 2.10
CA LEU A 162 19.85 -3.59 3.16
C LEU A 162 20.89 -4.49 3.78
N PHE A 163 20.52 -5.72 4.17
CA PHE A 163 21.48 -6.66 4.76
C PHE A 163 22.50 -7.18 3.75
N THR A 164 22.35 -6.87 2.47
CA THR A 164 23.36 -7.21 1.46
C THR A 164 24.35 -6.10 1.23
N LEU A 165 24.17 -4.95 1.86
CA LEU A 165 25.17 -3.91 1.82
C LEU A 165 26.36 -4.33 2.68
N PRO A 166 27.52 -3.71 2.51
CA PRO A 166 28.70 -4.12 3.29
C PRO A 166 28.55 -3.83 4.78
N ASN A 167 29.34 -4.56 5.58
CA ASN A 167 29.22 -4.51 7.05
C ASN A 167 29.34 -3.09 7.59
N GLU A 168 30.33 -2.33 7.12
CA GLU A 168 30.61 -1.03 7.68
C GLU A 168 29.60 0.05 7.24
N THR A 169 28.58 -0.32 6.47
CA THR A 169 27.56 0.65 6.04
C THR A 169 26.90 1.30 7.25
N LEU A 170 26.87 2.63 7.27
CA LEU A 170 26.23 3.38 8.35
C LEU A 170 24.71 3.36 8.17
N VAL A 171 24.00 3.19 9.28
CA VAL A 171 22.54 3.12 9.27
C VAL A 171 22.04 4.38 9.94
N TYR A 172 21.48 5.29 9.15
CA TYR A 172 20.89 6.52 9.67
C TYR A 172 19.38 6.41 9.61
N PRO A 173 18.70 6.17 10.74
CA PRO A 173 17.28 5.79 10.70
C PRO A 173 16.33 6.97 10.57
N GLY A 174 15.09 6.66 10.19
CA GLY A 174 14.07 7.71 10.11
C GLY A 174 13.60 8.19 11.46
N HIS A 175 13.67 7.33 12.47
CA HIS A 175 13.20 7.65 13.80
C HIS A 175 14.09 6.94 14.79
N ASP A 176 14.06 7.42 16.05
CA ASP A 176 14.55 6.66 17.19
C ASP A 176 13.92 7.23 18.45
N TYR A 177 13.57 6.35 19.39
CA TYR A 177 12.82 6.75 20.57
C TYR A 177 13.63 6.60 21.85
N GLU A 178 14.90 6.22 21.73
CA GLU A 178 15.75 5.91 22.88
C GLU A 178 17.06 6.68 22.83
N GLY A 179 17.13 7.77 22.06
CA GLY A 179 18.33 8.57 22.04
C GLY A 179 19.49 8.02 21.26
N ARG A 180 19.29 7.02 20.39
CA ARG A 180 20.35 6.56 19.51
C ARG A 180 20.29 7.27 18.18
N PHE A 181 21.46 7.45 17.56
CA PHE A 181 21.55 8.22 16.34
C PHE A 181 21.99 7.43 15.14
N ILE A 182 22.71 6.33 15.35
CA ILE A 182 23.43 5.70 14.24
C ILE A 182 23.63 4.24 14.59
N SER A 183 23.70 3.41 13.56
CA SER A 183 24.12 2.03 13.70
C SER A 183 24.89 1.62 12.45
N SER A 184 25.13 0.33 12.30
CA SER A 184 25.77 -0.19 11.09
C SER A 184 25.05 -1.47 10.68
N ILE A 185 25.22 -1.84 9.41
CA ILE A 185 24.60 -3.07 8.93
C ILE A 185 25.12 -4.26 9.73
N ALA A 186 26.43 -4.27 10.01
CA ALA A 186 26.98 -5.35 10.83
C ALA A 186 26.35 -5.39 12.20
N GLN A 187 26.13 -4.22 12.82
CA GLN A 187 25.50 -4.22 14.13
C GLN A 187 24.09 -4.78 14.08
N GLU A 188 23.29 -4.33 13.12
CA GLU A 188 21.91 -4.79 13.06
C GLU A 188 21.83 -6.27 12.77
N LYS A 189 22.62 -6.78 11.83
CA LYS A 189 22.63 -8.22 11.61
C LYS A 189 23.00 -8.95 12.87
N GLN A 190 23.89 -8.37 13.67
CA GLN A 190 24.42 -9.04 14.84
C GLN A 190 23.43 -9.08 15.99
N ARG A 191 22.72 -7.97 16.27
CA ARG A 191 22.02 -7.87 17.55
C ARG A 191 20.62 -7.28 17.49
N ASN A 192 20.12 -6.87 16.32
CA ASN A 192 18.74 -6.39 16.19
C ASN A 192 17.82 -7.50 16.64
N PRO A 193 17.08 -7.31 17.74
CA PRO A 193 16.30 -8.43 18.30
C PRO A 193 15.23 -8.95 17.35
N ARG A 194 14.82 -8.16 16.36
CA ARG A 194 13.81 -8.65 15.43
C ARG A 194 14.38 -9.44 14.28
N LEU A 195 15.65 -9.22 13.92
CA LEU A 195 16.23 -9.79 12.71
C LEU A 195 17.49 -10.61 12.93
N SER A 196 18.08 -10.56 14.12
CA SER A 196 19.35 -11.25 14.36
C SER A 196 19.13 -12.75 14.50
N ASN A 197 20.24 -13.49 14.41
CA ASN A 197 20.24 -14.95 14.58
C ASN A 197 19.56 -15.63 13.41
N ASN A 198 19.69 -15.05 12.21
CA ASN A 198 18.99 -15.54 11.02
C ASN A 198 17.52 -15.81 11.33
N LYS A 199 16.89 -14.88 12.05
CA LYS A 199 15.51 -15.09 12.42
C LYS A 199 14.68 -15.34 11.16
N SER A 200 13.77 -16.31 11.24
CA SER A 200 13.04 -16.71 10.06
C SER A 200 11.95 -15.69 9.73
N LYS A 201 11.52 -15.72 8.46
CA LYS A 201 10.44 -14.85 8.02
C LYS A 201 9.15 -15.13 8.79
N GLN A 202 8.77 -16.39 8.95
CA GLN A 202 7.57 -16.69 9.72
C GLN A 202 7.72 -16.24 11.17
N ALA A 203 8.91 -16.37 11.75
CA ALA A 203 9.11 -15.89 13.12
C ALA A 203 9.05 -14.37 13.19
N PHE A 204 9.60 -13.69 12.18
CA PHE A 204 9.52 -12.23 12.11
C PHE A 204 8.07 -11.75 12.01
N ILE A 205 7.26 -12.43 11.20
CA ILE A 205 5.85 -12.05 11.05
C ILE A 205 5.09 -12.24 12.35
N GLU A 206 5.35 -13.37 13.02
CA GLU A 206 4.67 -13.65 14.29
C GLU A 206 5.02 -12.58 15.31
N LEU A 207 6.30 -12.20 15.37
CA LEU A 207 6.74 -11.14 16.26
C LEU A 207 6.06 -9.80 15.95
N MET A 208 6.03 -9.42 14.67
CA MET A 208 5.43 -8.15 14.28
C MET A 208 3.93 -8.12 14.60
N ASN A 209 3.23 -9.23 14.37
CA ASN A 209 1.81 -9.31 14.73
C ASN A 209 1.58 -9.23 16.23
N GLY A 210 2.58 -9.58 17.05
CA GLY A 210 2.44 -9.49 18.48
C GLY A 210 2.76 -8.15 19.07
N LEU A 211 3.32 -7.24 18.29
CA LEU A 211 3.58 -5.90 18.79
C LEU A 211 2.28 -5.14 18.86
N LYS A 212 2.06 -4.47 19.98
CA LYS A 212 0.90 -3.59 20.09
C LYS A 212 1.37 -2.26 20.63
N THR A 213 1.35 -1.27 19.74
CA THR A 213 1.80 0.10 19.89
C THR A 213 0.68 1.03 19.44
N PRO A 214 0.53 2.19 20.09
CA PRO A 214 -0.56 3.10 19.70
C PRO A 214 -0.31 3.72 18.34
N ASN A 215 -1.41 4.05 17.66
CA ASN A 215 -1.32 4.77 16.40
C ASN A 215 -0.73 6.16 16.62
N PRO A 216 0.07 6.67 15.67
CA PRO A 216 0.56 8.04 15.81
C PRO A 216 -0.61 9.01 15.89
N ARG A 217 -0.50 9.99 16.78
CA ARG A 217 -1.63 10.88 17.05
C ARG A 217 -2.13 11.55 15.77
N LYS A 218 -1.21 12.08 14.97
CA LYS A 218 -1.53 12.91 13.81
C LYS A 218 -1.98 12.10 12.60
N MET A 219 -2.13 10.79 12.74
CA MET A 219 -2.19 9.93 11.56
C MET A 219 -3.35 10.24 10.64
N ALA A 220 -4.48 10.69 11.21
CA ALA A 220 -5.67 10.94 10.40
C ALA A 220 -5.46 12.06 9.40
N PHE A 221 -4.75 13.11 9.79
CA PHE A 221 -4.52 14.18 8.83
C PHE A 221 -3.10 14.23 8.29
N ALA A 222 -2.13 13.55 8.91
CA ALA A 222 -0.76 13.61 8.39
C ALA A 222 -0.64 12.91 7.05
N VAL A 223 -1.23 11.72 6.91
CA VAL A 223 -1.15 11.00 5.63
C VAL A 223 -1.83 11.75 4.50
N PRO A 224 -3.08 12.24 4.63
CA PRO A 224 -3.61 13.09 3.56
C PRO A 224 -2.83 14.40 3.33
N SER A 225 -2.30 15.04 4.38
CA SER A 225 -1.48 16.24 4.15
C SER A 225 -0.19 15.92 3.39
N ASN A 226 0.43 14.79 3.71
CA ASN A 226 1.68 14.47 3.04
C ASN A 226 1.44 14.02 1.60
N LYS A 227 0.24 13.55 1.28
CA LYS A 227 -0.10 13.32 -0.12
C LYS A 227 -0.23 14.63 -0.89
N GLN A 228 -0.44 15.74 -0.18
CA GLN A 228 -0.26 17.09 -0.71
C GLN A 228 1.07 17.71 -0.28
N CYS A 229 2.10 16.89 -0.10
CA CYS A 229 3.48 17.30 0.15
C CYS A 229 3.65 18.04 1.46
N GLY A 230 2.72 17.88 2.39
CA GLY A 230 2.82 18.51 3.69
C GLY A 230 1.95 19.75 3.83
N MET A 231 1.16 20.06 2.82
CA MET A 231 0.21 21.16 2.93
C MET A 231 -0.88 20.80 3.92
N CYS A 232 -1.18 21.73 4.83
CA CYS A 232 -2.18 21.49 5.86
C CYS A 232 -3.56 21.32 5.21
N PRO A 233 -4.47 20.59 5.86
CA PRO A 233 -5.87 20.67 5.51
C PRO A 233 -6.43 22.03 5.91
N PRO A 234 -7.50 22.50 5.25
CA PRO A 234 -8.13 23.75 5.74
C PRO A 234 -8.65 23.64 7.17
N ASN A 235 -9.20 22.49 7.55
CA ASN A 235 -9.94 22.34 8.80
C ASN A 235 -9.05 21.88 9.96
N MET B 1 -21.55 -23.17 -16.51
CA MET B 1 -21.00 -22.89 -15.19
C MET B 1 -22.07 -22.34 -14.27
N ILE B 2 -22.12 -22.81 -13.04
CA ILE B 2 -23.11 -22.29 -12.10
C ILE B 2 -22.64 -20.92 -11.61
N PHE B 3 -23.58 -19.97 -11.53
CA PHE B 3 -23.25 -18.59 -11.16
C PHE B 3 -24.37 -17.95 -10.36
N GLN B 4 -24.03 -17.37 -9.21
CA GLN B 4 -25.01 -16.63 -8.43
C GLN B 4 -24.37 -15.36 -7.92
N GLN B 5 -25.11 -14.25 -7.97
CA GLN B 5 -24.67 -12.97 -7.42
C GLN B 5 -25.41 -12.70 -6.13
N LEU B 6 -24.69 -12.60 -5.01
CA LEU B 6 -25.27 -12.50 -3.69
C LEU B 6 -24.89 -11.19 -3.02
N PHE B 7 -25.86 -10.53 -2.41
CA PHE B 7 -25.74 -9.20 -1.83
C PHE B 7 -25.78 -9.28 -0.31
N GLU B 8 -24.99 -8.44 0.35
CA GLU B 8 -24.95 -8.30 1.80
C GLU B 8 -25.28 -6.85 2.14
N SER B 9 -26.44 -6.64 2.78
CA SER B 9 -27.02 -5.30 2.83
C SER B 9 -26.32 -4.37 3.80
N SER B 10 -25.70 -4.90 4.86
CA SER B 10 -25.06 -3.99 5.79
C SER B 10 -23.86 -3.28 5.15
N SER B 11 -23.06 -4.01 4.38
CA SER B 11 -21.90 -3.41 3.73
C SER B 11 -22.08 -3.18 2.23
N SER B 12 -23.24 -3.56 1.65
CA SER B 12 -23.48 -3.46 0.22
C SER B 12 -22.44 -4.21 -0.60
N THR B 13 -22.05 -5.38 -0.14
CA THR B 13 -21.01 -6.17 -0.78
C THR B 13 -21.65 -7.22 -1.66
N TYR B 14 -21.06 -7.45 -2.84
CA TYR B 14 -21.48 -8.56 -3.69
C TYR B 14 -20.51 -9.71 -3.48
N THR B 15 -21.07 -10.88 -3.17
CA THR B 15 -20.35 -12.14 -3.14
C THR B 15 -20.72 -12.94 -4.38
N TYR B 16 -19.73 -13.47 -5.07
CA TYR B 16 -19.98 -14.20 -6.31
C TYR B 16 -19.69 -15.67 -6.10
N LEU B 17 -20.72 -16.49 -6.30
CA LEU B 17 -20.63 -17.93 -6.21
C LEU B 17 -20.39 -18.45 -7.62
N LEU B 18 -19.31 -19.19 -7.82
CA LEU B 18 -19.09 -19.84 -9.11
C LEU B 18 -18.96 -21.34 -8.87
N GLY B 19 -19.61 -22.15 -9.69
CA GLY B 19 -19.63 -23.59 -9.49
C GLY B 19 -19.40 -24.35 -10.78
N CYS B 20 -18.68 -25.46 -10.67
CA CYS B 20 -18.45 -26.36 -11.81
C CYS B 20 -19.46 -27.49 -11.77
N PRO B 21 -20.30 -27.64 -12.79
CA PRO B 21 -21.31 -28.72 -12.75
C PRO B 21 -20.71 -30.12 -12.83
N ILE B 22 -19.60 -30.31 -13.54
CA ILE B 22 -18.99 -31.64 -13.67
C ILE B 22 -18.46 -32.13 -12.33
N THR B 23 -17.64 -31.33 -11.67
CA THR B 23 -16.95 -31.76 -10.45
C THR B 23 -17.70 -31.40 -9.17
N LYS B 24 -18.76 -30.59 -9.26
CA LYS B 24 -19.59 -30.22 -8.10
C LYS B 24 -18.82 -29.38 -7.07
N THR B 25 -17.81 -28.63 -7.51
CA THR B 25 -17.04 -27.78 -6.61
C THR B 25 -17.27 -26.31 -6.94
N ALA B 26 -16.88 -25.45 -6.00
CA ALA B 26 -17.29 -24.06 -6.05
C ALA B 26 -16.26 -23.17 -5.37
N VAL B 27 -16.27 -21.92 -5.80
CA VAL B 27 -15.47 -20.86 -5.20
C VAL B 27 -16.42 -19.72 -4.86
N LEU B 28 -16.21 -19.09 -3.72
CA LEU B 28 -16.91 -17.87 -3.36
C LEU B 28 -15.93 -16.73 -3.48
N ILE B 29 -16.32 -15.67 -4.18
CA ILE B 29 -15.50 -14.48 -4.34
C ILE B 29 -16.04 -13.42 -3.38
N ASP B 30 -15.17 -12.92 -2.52
CA ASP B 30 -15.51 -11.92 -1.51
C ASP B 30 -16.68 -12.33 -0.61
N PRO B 31 -16.60 -13.48 0.07
CA PRO B 31 -17.64 -13.82 1.04
C PRO B 31 -17.55 -12.95 2.27
N VAL B 32 -18.71 -12.72 2.88
CA VAL B 32 -18.85 -11.81 4.00
C VAL B 32 -19.22 -12.62 5.24
N LEU B 33 -18.66 -12.24 6.39
CA LEU B 33 -18.92 -12.94 7.64
C LEU B 33 -20.41 -12.97 7.96
N GLU B 34 -21.08 -11.82 7.81
CA GLU B 34 -22.50 -11.76 8.15
C GLU B 34 -23.32 -12.81 7.41
N THR B 35 -22.90 -13.22 6.22
CA THR B 35 -23.69 -14.14 5.40
C THR B 35 -22.96 -15.46 5.19
N VAL B 36 -22.23 -15.93 6.19
CA VAL B 36 -21.61 -17.25 6.07
C VAL B 36 -22.69 -18.33 6.02
N GLU B 37 -23.69 -18.25 6.90
CA GLU B 37 -24.76 -19.25 6.91
C GLU B 37 -25.51 -19.25 5.59
N ARG B 38 -25.81 -18.07 5.06
CA ARG B 38 -26.55 -18.02 3.80
C ARG B 38 -25.76 -18.68 2.68
N ASP B 39 -24.44 -18.43 2.62
CA ASP B 39 -23.63 -19.03 1.56
C ASP B 39 -23.58 -20.56 1.69
N ILE B 40 -23.49 -21.06 2.92
CA ILE B 40 -23.43 -22.50 3.09
C ILE B 40 -24.76 -23.15 2.73
N SER B 41 -25.86 -22.49 3.08
CA SER B 41 -27.18 -23.02 2.73
C SER B 41 -27.35 -23.11 1.21
N ILE B 42 -26.90 -22.08 0.48
CA ILE B 42 -27.00 -22.09 -0.98
C ILE B 42 -26.10 -23.16 -1.60
N LEU B 43 -24.87 -23.30 -1.10
CA LEU B 43 -24.00 -24.36 -1.59
C LEU B 43 -24.60 -25.74 -1.34
N ASN B 44 -25.27 -25.91 -0.20
CA ASN B 44 -25.88 -27.19 0.11
C ASN B 44 -27.06 -27.46 -0.81
N ALA B 45 -27.90 -26.45 -1.06
CA ALA B 45 -29.03 -26.63 -1.97
C ALA B 45 -28.56 -27.03 -3.37
N LEU B 46 -27.48 -26.43 -3.86
CA LEU B 46 -26.98 -26.76 -5.19
C LEU B 46 -26.08 -27.97 -5.19
N GLY B 47 -25.88 -28.59 -4.02
CA GLY B 47 -25.03 -29.77 -3.95
C GLY B 47 -23.60 -29.53 -4.36
N LEU B 48 -23.08 -28.33 -4.06
CA LEU B 48 -21.71 -27.98 -4.40
C LEU B 48 -20.85 -28.04 -3.15
N THR B 49 -19.59 -28.40 -3.35
CA THR B 49 -18.59 -28.43 -2.28
C THR B 49 -17.70 -27.21 -2.41
N LEU B 50 -17.63 -26.40 -1.35
CA LEU B 50 -16.79 -25.19 -1.36
C LEU B 50 -15.33 -25.59 -1.36
N ARG B 51 -14.64 -25.31 -2.47
CA ARG B 51 -13.24 -25.66 -2.65
C ARG B 51 -12.30 -24.48 -2.41
N TYR B 52 -12.70 -23.25 -2.77
CA TYR B 52 -11.91 -22.04 -2.51
C TYR B 52 -12.79 -20.87 -2.08
N THR B 53 -12.27 -20.04 -1.19
CA THR B 53 -12.74 -18.67 -1.08
C THR B 53 -11.66 -17.77 -1.64
N LEU B 54 -12.06 -16.59 -2.09
CA LEU B 54 -11.17 -15.78 -2.92
C LEU B 54 -11.48 -14.32 -2.65
N GLU B 55 -10.49 -13.58 -2.16
CA GLU B 55 -10.65 -12.16 -1.90
C GLU B 55 -10.02 -11.34 -3.02
N THR B 56 -10.72 -10.26 -3.42
CA THR B 56 -10.13 -9.29 -4.35
C THR B 56 -9.13 -8.36 -3.65
N HIS B 57 -9.32 -8.08 -2.37
CA HIS B 57 -8.38 -7.26 -1.60
C HIS B 57 -8.66 -7.46 -0.11
N ILE B 58 -7.92 -6.73 0.73
CA ILE B 58 -8.09 -6.76 2.18
C ILE B 58 -9.14 -5.70 2.52
N HIS B 59 -10.38 -6.13 2.75
CA HIS B 59 -11.50 -5.18 2.86
C HIS B 59 -11.41 -4.35 4.13
N ALA B 60 -11.77 -3.07 4.01
CA ALA B 60 -11.85 -2.17 5.15
C ALA B 60 -13.25 -2.06 5.72
N ASP B 61 -14.27 -2.50 4.98
CA ASP B 61 -15.65 -2.20 5.30
C ASP B 61 -16.41 -3.39 5.87
N HIS B 62 -15.88 -4.59 5.76
CA HIS B 62 -16.54 -5.78 6.27
C HIS B 62 -15.48 -6.82 6.57
N LEU B 63 -15.84 -7.78 7.41
CA LEU B 63 -14.95 -8.90 7.69
C LEU B 63 -15.18 -10.02 6.70
N SER B 64 -14.07 -10.58 6.21
CA SER B 64 -14.10 -11.68 5.26
C SER B 64 -14.70 -12.94 5.89
N GLY B 65 -15.57 -13.61 5.15
CA GLY B 65 -16.08 -14.88 5.62
C GLY B 65 -15.13 -16.05 5.50
N GLY B 66 -13.90 -15.83 5.03
CA GLY B 66 -13.03 -16.94 4.65
C GLY B 66 -12.60 -17.82 5.81
N TYR B 67 -12.29 -17.20 6.95
CA TYR B 67 -11.90 -17.97 8.13
C TYR B 67 -13.01 -18.90 8.57
N GLN B 68 -14.21 -18.35 8.76
CA GLN B 68 -15.35 -19.15 9.17
C GLN B 68 -15.66 -20.25 8.15
N LEU B 69 -15.70 -19.88 6.87
CA LEU B 69 -16.01 -20.85 5.82
C LEU B 69 -15.02 -22.00 5.79
N ARG B 70 -13.73 -21.72 6.03
CA ARG B 70 -12.74 -22.81 6.04
C ARG B 70 -12.95 -23.72 7.25
N GLN B 71 -13.33 -23.16 8.40
CA GLN B 71 -13.67 -24.02 9.54
C GLN B 71 -14.82 -24.95 9.17
N ARG B 72 -15.91 -24.39 8.67
CA ARG B 72 -17.12 -25.17 8.47
C ARG B 72 -17.08 -26.04 7.22
N THR B 73 -16.19 -25.78 6.25
CA THR B 73 -16.18 -26.53 5.01
C THR B 73 -14.82 -27.14 4.65
N GLY B 74 -13.72 -26.62 5.19
CA GLY B 74 -12.42 -27.14 4.79
C GLY B 74 -11.96 -26.68 3.43
N CYS B 75 -12.55 -25.59 2.91
CA CYS B 75 -12.06 -24.96 1.70
C CYS B 75 -10.69 -24.33 1.93
N LEU B 76 -9.95 -24.15 0.85
CA LEU B 76 -8.74 -23.35 0.89
C LEU B 76 -9.07 -21.86 0.73
N ILE B 77 -8.37 -21.01 1.49
CA ILE B 77 -8.47 -19.55 1.35
C ILE B 77 -7.42 -19.06 0.38
N ALA B 78 -7.85 -18.29 -0.61
CA ALA B 78 -6.94 -17.73 -1.60
C ALA B 78 -7.08 -16.21 -1.62
N LEU B 79 -5.94 -15.51 -1.63
CA LEU B 79 -5.95 -14.05 -1.70
C LEU B 79 -4.59 -13.60 -2.25
N PRO B 80 -4.44 -12.31 -2.60
CA PRO B 80 -3.21 -11.86 -3.26
C PRO B 80 -1.92 -12.29 -2.58
N ALA B 81 -1.04 -12.92 -3.36
CA ALA B 81 0.25 -13.39 -2.85
C ALA B 81 1.12 -12.24 -2.31
N ILE B 82 1.02 -11.05 -2.91
CA ILE B 82 1.89 -9.94 -2.52
C ILE B 82 1.67 -9.55 -1.06
N GLU B 83 0.54 -9.94 -0.46
CA GLU B 83 0.25 -9.64 0.93
C GLU B 83 0.98 -10.57 1.91
N GLN B 84 1.47 -11.71 1.45
CA GLN B 84 2.25 -12.65 2.26
C GLN B 84 1.59 -12.94 3.61
N LEU B 85 0.32 -13.33 3.56
CA LEU B 85 -0.42 -13.60 4.79
C LEU B 85 -0.31 -15.07 5.17
N PRO B 86 0.23 -15.40 6.35
CA PRO B 86 0.37 -16.83 6.71
C PRO B 86 -0.94 -17.59 6.70
N CYS B 87 -2.04 -16.97 7.13
CA CYS B 87 -3.30 -17.67 7.27
C CYS B 87 -3.88 -18.12 5.93
N ALA B 88 -3.44 -17.53 4.83
CA ALA B 88 -3.95 -17.91 3.53
C ALA B 88 -3.26 -19.18 3.04
N ASP B 89 -4.01 -19.95 2.26
CA ASP B 89 -3.48 -21.19 1.71
C ASP B 89 -2.88 -20.98 0.33
N ILE B 90 -3.49 -20.13 -0.50
CA ILE B 90 -3.06 -19.95 -1.87
C ILE B 90 -2.82 -18.47 -2.11
N GLY B 91 -1.69 -18.16 -2.76
CA GLY B 91 -1.35 -16.80 -3.09
C GLY B 91 -1.63 -16.52 -4.55
N ILE B 92 -2.56 -15.62 -4.81
CA ILE B 92 -3.01 -15.30 -6.15
C ILE B 92 -2.02 -14.37 -6.82
N GLU B 93 -1.71 -14.61 -8.09
CA GLU B 93 -1.00 -13.62 -8.91
C GLU B 93 -1.48 -13.61 -10.36
N GLU B 94 -1.40 -12.44 -10.96
CA GLU B 94 -1.65 -12.32 -12.39
C GLU B 94 -0.72 -13.23 -13.17
N GLY B 95 -1.28 -13.93 -14.17
CA GLY B 95 -0.54 -14.89 -14.94
C GLY B 95 -0.70 -16.33 -14.49
N THR B 96 -1.27 -16.56 -13.32
CA THR B 96 -1.46 -17.92 -12.81
C THR B 96 -2.92 -18.17 -12.48
N PRO B 97 -3.61 -19.06 -13.20
CA PRO B 97 -5.04 -19.27 -12.98
C PRO B 97 -5.33 -19.98 -11.68
N LEU B 98 -6.51 -19.72 -11.13
CA LEU B 98 -7.09 -20.53 -10.07
C LEU B 98 -8.16 -21.42 -10.71
N CYS B 99 -7.95 -22.73 -10.66
CA CYS B 99 -8.84 -23.68 -11.32
C CYS B 99 -9.79 -24.32 -10.31
N VAL B 100 -11.09 -24.10 -10.51
CA VAL B 100 -12.15 -24.76 -9.76
C VAL B 100 -12.82 -25.73 -10.73
N GLY B 101 -12.40 -26.99 -10.71
CA GLY B 101 -12.91 -27.91 -11.70
C GLY B 101 -12.51 -27.45 -13.09
N GLU B 102 -13.48 -27.31 -13.98
CA GLU B 102 -13.20 -26.88 -15.34
C GLU B 102 -13.22 -25.36 -15.50
N VAL B 103 -13.59 -24.62 -14.45
CA VAL B 103 -13.58 -23.16 -14.47
C VAL B 103 -12.18 -22.65 -14.17
N GLN B 104 -11.68 -21.75 -15.01
CA GLN B 104 -10.42 -21.05 -14.78
C GLN B 104 -10.68 -19.59 -14.43
N ILE B 105 -10.10 -19.13 -13.33
CA ILE B 105 -10.25 -17.76 -12.83
C ILE B 105 -8.91 -17.06 -12.98
N HIS B 106 -8.88 -15.98 -13.76
CA HIS B 106 -7.64 -15.31 -14.13
C HIS B 106 -7.49 -14.02 -13.34
N PRO B 107 -6.51 -13.91 -12.47
CA PRO B 107 -6.32 -12.66 -11.72
C PRO B 107 -5.75 -11.55 -12.59
N LEU B 108 -6.11 -10.31 -12.26
CA LEU B 108 -5.53 -9.12 -12.87
C LEU B 108 -5.15 -8.17 -11.75
N TYR B 109 -3.86 -7.85 -11.68
CA TYR B 109 -3.35 -6.93 -10.66
C TYR B 109 -3.86 -5.52 -10.93
N THR B 110 -4.66 -4.97 -10.01
CA THR B 110 -5.32 -3.67 -10.21
C THR B 110 -5.19 -2.79 -8.96
N PRO B 111 -3.97 -2.40 -8.58
CA PRO B 111 -3.82 -1.61 -7.35
C PRO B 111 -4.33 -0.18 -7.51
N GLY B 112 -4.54 0.47 -6.36
CA GLY B 112 -4.90 1.87 -6.31
C GLY B 112 -5.97 2.16 -5.28
N HIS B 113 -6.92 1.24 -5.12
CA HIS B 113 -7.81 1.28 -3.96
C HIS B 113 -7.06 0.77 -2.73
N THR B 114 -6.48 -0.42 -2.84
CA THR B 114 -5.40 -0.86 -1.95
C THR B 114 -4.18 -1.15 -2.82
N SER B 115 -3.07 -1.48 -2.19
CA SER B 115 -1.87 -1.73 -2.97
C SER B 115 -1.78 -3.15 -3.50
N SER B 116 -2.64 -4.05 -3.04
CA SER B 116 -2.55 -5.44 -3.43
C SER B 116 -3.86 -5.93 -4.06
N HIS B 117 -4.72 -5.00 -4.47
CA HIS B 117 -6.03 -5.33 -5.04
C HIS B 117 -5.91 -6.11 -6.34
N HIS B 118 -6.69 -7.19 -6.46
CA HIS B 118 -6.77 -7.93 -7.71
C HIS B 118 -8.22 -8.02 -8.18
N ALA B 119 -8.41 -7.91 -9.49
CA ALA B 119 -9.65 -8.26 -10.15
C ALA B 119 -9.52 -9.66 -10.73
N TYR B 120 -10.66 -10.27 -11.05
CA TYR B 120 -10.67 -11.60 -11.64
C TYR B 120 -11.59 -11.64 -12.85
N TYR B 121 -11.19 -12.38 -13.89
CA TYR B 121 -12.09 -12.61 -15.01
C TYR B 121 -12.16 -14.09 -15.37
N VAL B 122 -13.32 -14.47 -15.89
CA VAL B 122 -13.64 -15.82 -16.33
C VAL B 122 -14.23 -15.73 -17.74
N ASP B 123 -13.75 -16.59 -18.64
CA ASP B 123 -14.30 -16.74 -19.98
C ASP B 123 -15.37 -17.84 -19.96
N THR B 124 -16.61 -17.50 -20.33
CA THR B 124 -17.68 -18.48 -20.36
C THR B 124 -17.84 -19.13 -21.72
N GLY B 125 -17.07 -18.71 -22.72
CA GLY B 125 -17.23 -19.12 -24.07
C GLY B 125 -17.98 -18.12 -24.92
N THR B 126 -18.84 -17.32 -24.29
CA THR B 126 -19.59 -16.25 -24.92
C THR B 126 -19.27 -14.89 -24.33
N HIS B 127 -19.15 -14.80 -23.01
CA HIS B 127 -18.83 -13.56 -22.29
C HIS B 127 -17.55 -13.75 -21.49
N LEU B 128 -16.77 -12.66 -21.37
CA LEU B 128 -15.82 -12.47 -20.28
C LEU B 128 -16.57 -11.88 -19.10
N MET B 129 -16.46 -12.51 -17.93
CA MET B 129 -17.02 -11.95 -16.71
C MET B 129 -15.90 -11.31 -15.91
N LEU B 130 -16.03 -10.03 -15.61
CA LEU B 130 -15.04 -9.32 -14.83
C LEU B 130 -15.59 -9.07 -13.44
N PHE B 131 -15.00 -9.73 -12.44
CA PHE B 131 -15.22 -9.41 -11.03
C PHE B 131 -14.22 -8.32 -10.64
N SER B 132 -14.67 -7.07 -10.70
CA SER B 132 -13.76 -5.95 -10.64
C SER B 132 -13.48 -5.47 -9.22
N GLY B 133 -14.06 -6.12 -8.22
CA GLY B 133 -13.71 -5.76 -6.85
C GLY B 133 -14.05 -4.31 -6.58
N ASP B 134 -13.13 -3.60 -5.94
CA ASP B 134 -13.32 -2.16 -5.76
C ASP B 134 -12.46 -1.34 -6.70
N ALA B 135 -11.99 -1.92 -7.80
CA ALA B 135 -11.20 -1.14 -8.74
C ALA B 135 -12.09 -0.31 -9.64
N LEU B 136 -12.96 -0.95 -10.39
CA LEU B 136 -13.99 -0.28 -11.18
C LEU B 136 -15.32 -0.61 -10.55
N LEU B 137 -16.14 0.40 -10.32
CA LEU B 137 -17.50 0.23 -9.80
C LEU B 137 -18.48 0.80 -10.81
N ILE B 138 -19.76 0.50 -10.62
CA ILE B 138 -20.75 0.94 -11.60
C ILE B 138 -20.97 2.44 -11.44
N ASP B 139 -20.57 3.20 -12.46
CA ASP B 139 -20.65 4.65 -12.49
C ASP B 139 -19.73 5.33 -11.47
N ALA B 140 -18.76 4.60 -10.94
CA ALA B 140 -17.83 5.11 -9.93
C ALA B 140 -16.59 4.23 -9.96
N CYS B 141 -15.79 4.29 -8.90
CA CYS B 141 -14.67 3.40 -8.66
C CYS B 141 -14.40 3.39 -7.16
N GLY B 142 -13.47 2.54 -6.73
CA GLY B 142 -13.14 2.49 -5.32
C GLY B 142 -12.55 3.80 -4.83
N ARG B 143 -12.82 4.14 -3.58
CA ARG B 143 -12.28 5.35 -2.99
C ARG B 143 -10.76 5.25 -2.88
N THR B 144 -10.08 6.39 -3.02
CA THR B 144 -8.63 6.41 -3.01
C THR B 144 -8.06 7.18 -1.81
N ASP B 145 -8.86 7.45 -0.78
CA ASP B 145 -8.39 8.26 0.34
C ASP B 145 -7.96 7.42 1.54
N PHE B 146 -7.86 6.10 1.41
CA PHE B 146 -7.24 5.33 2.47
C PHE B 146 -5.75 5.60 2.49
N GLN B 147 -5.07 4.99 3.47
CA GLN B 147 -3.63 5.16 3.59
C GLN B 147 -2.91 4.81 2.32
N ALA B 148 -3.16 3.60 1.78
CA ALA B 148 -2.51 3.16 0.56
C ALA B 148 -3.33 3.45 -0.69
N GLY B 149 -4.40 4.24 -0.57
CA GLY B 149 -5.08 4.74 -1.75
C GLY B 149 -4.14 5.58 -2.60
N ASN B 150 -4.23 5.38 -3.92
CA ASN B 150 -3.37 6.07 -4.87
C ASN B 150 -4.20 6.27 -6.14
N ALA B 151 -4.71 7.48 -6.34
CA ALA B 151 -5.64 7.72 -7.43
C ALA B 151 -4.95 7.61 -8.78
N GLY B 152 -3.74 8.14 -8.90
CA GLY B 152 -3.04 7.99 -10.16
C GLY B 152 -2.83 6.53 -10.51
N GLN B 153 -2.57 5.72 -9.49
CA GLN B 153 -2.35 4.30 -9.74
C GLN B 153 -3.65 3.59 -10.12
N LEU B 154 -4.75 3.93 -9.44
CA LEU B 154 -6.04 3.33 -9.75
C LEU B 154 -6.43 3.60 -11.20
N TYR B 155 -6.22 4.84 -11.64
CA TYR B 155 -6.48 5.24 -13.02
C TYR B 155 -5.69 4.36 -14.00
N ASP B 156 -4.40 4.18 -13.74
CA ASP B 156 -3.58 3.26 -14.55
C ASP B 156 -4.17 1.86 -14.57
N SER B 157 -4.55 1.35 -13.40
CA SER B 157 -5.07 -0.02 -13.33
C SER B 157 -6.31 -0.18 -14.18
N ILE B 158 -7.26 0.76 -14.06
CA ILE B 158 -8.51 0.70 -14.83
C ILE B 158 -8.21 0.83 -16.31
N GLN B 159 -7.38 1.82 -16.69
CA GLN B 159 -7.06 2.06 -18.10
C GLN B 159 -6.36 0.86 -18.73
N HIS B 160 -5.38 0.27 -18.03
CA HIS B 160 -4.50 -0.74 -18.60
C HIS B 160 -5.04 -2.14 -18.48
N LYS B 161 -5.68 -2.45 -17.36
CA LYS B 161 -6.11 -3.81 -17.09
C LYS B 161 -7.55 -4.07 -17.50
N LEU B 162 -8.42 -3.07 -17.39
CA LEU B 162 -9.85 -3.29 -17.49
C LEU B 162 -10.45 -2.70 -18.76
N PHE B 163 -10.06 -1.47 -19.13
CA PHE B 163 -10.59 -0.86 -20.35
C PHE B 163 -9.92 -1.39 -21.62
N THR B 164 -8.89 -2.23 -21.51
CA THR B 164 -8.36 -2.98 -22.66
C THR B 164 -9.09 -4.30 -22.86
N LEU B 165 -10.05 -4.59 -22.03
CA LEU B 165 -10.91 -5.72 -22.24
C LEU B 165 -11.97 -5.38 -23.28
N PRO B 166 -12.47 -6.37 -24.00
CA PRO B 166 -13.46 -6.11 -25.06
C PRO B 166 -14.75 -5.48 -24.52
N ASN B 167 -15.46 -4.82 -25.43
CA ASN B 167 -16.62 -4.01 -25.07
C ASN B 167 -17.69 -4.79 -24.31
N GLU B 168 -17.93 -6.04 -24.70
CA GLU B 168 -19.01 -6.83 -24.14
C GLU B 168 -18.65 -7.46 -22.80
N THR B 169 -17.43 -7.25 -22.30
CA THR B 169 -17.06 -7.77 -21.00
C THR B 169 -18.06 -7.34 -19.94
N LEU B 170 -18.58 -8.31 -19.19
CA LEU B 170 -19.47 -8.04 -18.08
C LEU B 170 -18.70 -7.52 -16.85
N VAL B 171 -19.20 -6.45 -16.24
CA VAL B 171 -18.60 -5.87 -15.04
C VAL B 171 -19.47 -6.21 -13.85
N TYR B 172 -18.94 -7.08 -12.97
CA TYR B 172 -19.58 -7.46 -11.70
C TYR B 172 -18.83 -6.80 -10.54
N PRO B 173 -19.35 -5.73 -9.96
CA PRO B 173 -18.56 -4.95 -9.00
C PRO B 173 -18.51 -5.58 -7.61
N GLY B 174 -17.55 -5.11 -6.81
CA GLY B 174 -17.49 -5.56 -5.43
C GLY B 174 -18.55 -4.95 -4.53
N HIS B 175 -19.11 -3.82 -4.91
CA HIS B 175 -20.09 -3.10 -4.11
C HIS B 175 -21.03 -2.36 -5.05
N ASP B 176 -22.22 -2.04 -4.55
CA ASP B 176 -23.10 -1.06 -5.17
C ASP B 176 -24.04 -0.55 -4.10
N TYR B 177 -24.26 0.76 -4.10
CA TYR B 177 -25.08 1.40 -3.10
C TYR B 177 -26.40 1.88 -3.68
N GLU B 178 -26.75 1.45 -4.90
CA GLU B 178 -27.90 2.02 -5.61
C GLU B 178 -28.74 0.96 -6.31
N GLY B 179 -28.59 -0.31 -5.96
CA GLY B 179 -29.39 -1.37 -6.55
C GLY B 179 -28.97 -1.81 -7.94
N ARG B 180 -27.79 -1.43 -8.39
CA ARG B 180 -27.29 -1.89 -9.68
C ARG B 180 -26.46 -3.14 -9.47
N PHE B 181 -26.63 -4.12 -10.37
CA PHE B 181 -25.94 -5.40 -10.23
C PHE B 181 -24.82 -5.60 -11.24
N ILE B 182 -24.92 -5.01 -12.43
CA ILE B 182 -24.03 -5.37 -13.52
C ILE B 182 -23.83 -4.16 -14.41
N SER B 183 -22.66 -4.10 -15.02
CA SER B 183 -22.39 -3.19 -16.12
C SER B 183 -21.62 -3.96 -17.16
N SER B 184 -21.09 -3.24 -18.15
CA SER B 184 -20.17 -3.77 -19.15
C SER B 184 -19.03 -2.77 -19.31
N ILE B 185 -17.93 -3.22 -19.91
CA ILE B 185 -16.81 -2.33 -20.13
C ILE B 185 -17.20 -1.19 -21.05
N ALA B 186 -17.95 -1.49 -22.12
CA ALA B 186 -18.41 -0.43 -23.02
C ALA B 186 -19.26 0.60 -22.27
N GLN B 187 -20.12 0.16 -21.36
CA GLN B 187 -20.95 1.11 -20.64
C GLN B 187 -20.12 2.01 -19.72
N GLU B 188 -19.16 1.43 -18.99
CA GLU B 188 -18.34 2.27 -18.12
C GLU B 188 -17.51 3.27 -18.92
N LYS B 189 -16.93 2.86 -20.04
CA LYS B 189 -16.19 3.82 -20.87
C LYS B 189 -17.10 4.90 -21.43
N GLN B 190 -18.35 4.56 -21.71
CA GLN B 190 -19.26 5.54 -22.31
C GLN B 190 -19.73 6.56 -21.29
N ARG B 191 -20.10 6.12 -20.08
CA ARG B 191 -20.84 7.00 -19.19
C ARG B 191 -20.38 7.05 -17.75
N ASN B 192 -19.43 6.23 -17.31
CA ASN B 192 -18.92 6.35 -15.95
C ASN B 192 -18.46 7.80 -15.74
N PRO B 193 -19.09 8.56 -14.84
CA PRO B 193 -18.77 9.99 -14.71
C PRO B 193 -17.33 10.28 -14.30
N ARG B 194 -16.64 9.34 -13.67
CA ARG B 194 -15.26 9.57 -13.28
C ARG B 194 -14.24 9.27 -14.39
N LEU B 195 -14.61 8.48 -15.40
CA LEU B 195 -13.68 8.07 -16.45
C LEU B 195 -14.10 8.38 -17.88
N SER B 196 -15.34 8.78 -18.12
CA SER B 196 -15.83 8.97 -19.48
C SER B 196 -15.22 10.22 -20.13
N ASN B 197 -15.44 10.31 -21.44
CA ASN B 197 -14.97 11.45 -22.23
C ASN B 197 -13.46 11.60 -22.14
N ASN B 198 -12.76 10.47 -22.19
CA ASN B 198 -11.30 10.41 -22.08
C ASN B 198 -10.81 11.39 -21.02
N LYS B 199 -11.41 11.32 -19.85
CA LYS B 199 -10.92 12.12 -18.74
C LYS B 199 -9.45 11.76 -18.49
N SER B 200 -8.62 12.78 -18.36
CA SER B 200 -7.19 12.61 -18.14
C SER B 200 -6.92 12.14 -16.71
N LYS B 201 -5.70 11.64 -16.49
CA LYS B 201 -5.31 11.23 -15.15
C LYS B 201 -5.36 12.39 -14.17
N GLN B 202 -4.88 13.57 -14.58
CA GLN B 202 -4.90 14.73 -13.70
C GLN B 202 -6.32 15.10 -13.30
N ALA B 203 -7.25 15.10 -14.27
CA ALA B 203 -8.63 15.43 -13.95
C ALA B 203 -9.22 14.38 -13.01
N PHE B 204 -8.89 13.11 -13.24
CA PHE B 204 -9.35 12.05 -12.36
C PHE B 204 -8.79 12.21 -10.95
N ILE B 205 -7.50 12.53 -10.85
CA ILE B 205 -6.89 12.69 -9.52
C ILE B 205 -7.57 13.82 -8.76
N GLU B 206 -7.81 14.95 -9.44
CA GLU B 206 -8.50 16.08 -8.81
C GLU B 206 -9.92 15.70 -8.41
N LEU B 207 -10.64 15.01 -9.28
CA LEU B 207 -11.98 14.57 -8.93
C LEU B 207 -11.96 13.68 -7.69
N MET B 208 -11.01 12.75 -7.60
CA MET B 208 -11.01 11.81 -6.48
C MET B 208 -10.53 12.47 -5.20
N ASN B 209 -9.70 13.50 -5.29
CA ASN B 209 -9.35 14.25 -4.09
C ASN B 209 -10.51 15.10 -3.60
N GLY B 210 -11.35 15.58 -4.51
CA GLY B 210 -12.52 16.37 -4.18
C GLY B 210 -13.71 15.61 -3.63
N LEU B 211 -13.56 14.33 -3.34
CA LEU B 211 -14.61 13.57 -2.67
C LEU B 211 -14.32 13.55 -1.17
N LYS B 212 -15.36 13.74 -0.37
CA LYS B 212 -15.25 13.78 1.08
C LYS B 212 -16.31 12.85 1.64
N THR B 213 -15.88 11.68 2.11
CA THR B 213 -16.81 10.65 2.58
C THR B 213 -16.37 10.15 3.94
N PRO B 214 -17.32 9.89 4.85
CA PRO B 214 -16.94 9.29 6.14
C PRO B 214 -16.34 7.92 5.92
N ASN B 215 -15.26 7.64 6.66
CA ASN B 215 -14.58 6.35 6.51
C ASN B 215 -15.52 5.22 6.94
N PRO B 216 -15.32 4.01 6.41
CA PRO B 216 -16.16 2.88 6.87
C PRO B 216 -16.02 2.70 8.37
N ARG B 217 -17.16 2.55 9.04
CA ARG B 217 -17.16 2.54 10.49
C ARG B 217 -16.43 1.32 11.07
N LYS B 218 -16.28 0.24 10.30
CA LYS B 218 -15.56 -0.97 10.71
C LYS B 218 -14.05 -0.87 10.52
N MET B 219 -13.55 0.19 9.86
CA MET B 219 -12.21 0.15 9.27
C MET B 219 -11.15 -0.26 10.29
N ALA B 220 -11.33 0.16 11.55
CA ALA B 220 -10.32 -0.06 12.57
C ALA B 220 -10.01 -1.54 12.74
N PHE B 221 -11.03 -2.38 12.86
CA PHE B 221 -10.73 -3.79 13.08
C PHE B 221 -10.90 -4.67 11.84
N ALA B 222 -11.60 -4.22 10.79
CA ALA B 222 -11.75 -5.09 9.62
C ALA B 222 -10.42 -5.37 8.94
N VAL B 223 -9.65 -4.32 8.63
CA VAL B 223 -8.36 -4.52 7.95
C VAL B 223 -7.44 -5.45 8.73
N PRO B 224 -7.21 -5.27 10.04
CA PRO B 224 -6.35 -6.25 10.73
C PRO B 224 -6.98 -7.63 10.78
N SER B 225 -8.30 -7.72 10.99
CA SER B 225 -8.97 -9.02 10.96
C SER B 225 -8.86 -9.66 9.59
N ASN B 226 -8.97 -8.88 8.53
CA ASN B 226 -8.87 -9.49 7.21
C ASN B 226 -7.44 -9.84 6.84
N LYS B 227 -6.44 -9.20 7.48
CA LYS B 227 -5.07 -9.68 7.33
C LYS B 227 -4.86 -11.02 8.03
N GLN B 228 -5.77 -11.37 8.93
CA GLN B 228 -5.85 -12.70 9.52
C GLN B 228 -6.98 -13.54 8.90
N CYS B 229 -7.35 -13.24 7.64
CA CYS B 229 -8.33 -13.98 6.84
C CYS B 229 -9.76 -13.88 7.36
N GLY B 230 -10.06 -12.92 8.23
CA GLY B 230 -11.38 -12.79 8.80
C GLY B 230 -11.49 -13.25 10.24
N MET B 231 -10.37 -13.50 10.91
CA MET B 231 -10.38 -13.94 12.29
C MET B 231 -10.54 -12.74 13.20
N CYS B 232 -11.65 -12.72 13.95
CA CYS B 232 -12.04 -11.64 14.86
C CYS B 232 -10.90 -11.28 15.80
N PRO B 233 -10.95 -10.09 16.39
CA PRO B 233 -9.95 -9.73 17.40
C PRO B 233 -10.42 -10.12 18.79
N PRO B 234 -9.51 -10.21 19.77
CA PRO B 234 -9.96 -10.39 21.16
C PRO B 234 -10.84 -9.25 21.67
N ASN B 235 -10.56 -8.02 21.24
CA ASN B 235 -11.32 -6.85 21.67
C ASN B 235 -12.72 -6.87 21.04
#